data_7JHF
#
_entry.id   7JHF
#
_entity_poly.entity_id   1
_entity_poly.type   'polypeptide(L)'
_entity_poly.pdbx_seq_one_letter_code
;IFGTILGFLKGL(NH2)
;
_entity_poly.pdbx_strand_id   A
#
loop_
_chem_comp.id
_chem_comp.type
_chem_comp.name
_chem_comp.formula
NH2 non-polymer 'AMINO GROUP' 'H2 N'
#
# COMPACT_ATOMS: atom_id res chain seq x y z
N ILE A 1 -6.31 -4.80 -1.21
CA ILE A 1 -5.22 -4.44 -0.31
C ILE A 1 -5.74 -3.82 0.98
N PHE A 2 -5.05 -4.10 2.08
CA PHE A 2 -5.45 -3.56 3.37
C PHE A 2 -4.69 -2.28 3.69
N GLY A 3 -5.07 -1.20 3.01
CA GLY A 3 -4.43 0.08 3.23
C GLY A 3 -3.60 0.53 2.04
N THR A 4 -4.29 1.05 1.01
CA THR A 4 -3.61 1.51 -0.19
C THR A 4 -2.50 2.49 0.14
N ILE A 5 -2.76 3.37 1.10
CA ILE A 5 -1.78 4.36 1.52
C ILE A 5 -0.48 3.70 1.97
N LEU A 6 -0.61 2.72 2.85
CA LEU A 6 0.55 2.00 3.37
C LEU A 6 1.21 1.16 2.26
N GLY A 7 0.39 0.43 1.52
CA GLY A 7 0.91 -0.40 0.44
C GLY A 7 1.72 0.39 -0.56
N PHE A 8 1.28 1.62 -0.84
CA PHE A 8 1.97 2.48 -1.78
C PHE A 8 3.45 2.61 -1.43
N LEU A 9 3.73 2.69 -0.13
CA LEU A 9 5.11 2.81 0.35
C LEU A 9 5.99 1.73 -0.25
N LYS A 10 5.52 0.49 -0.21
CA LYS A 10 6.26 -0.65 -0.74
C LYS A 10 6.11 -0.72 -2.26
N GLY A 11 4.92 -0.40 -2.74
CA GLY A 11 4.67 -0.44 -4.18
C GLY A 11 3.24 -0.83 -4.50
N LEU A 12 3.03 -2.11 -4.76
CA LEU A 12 1.69 -2.61 -5.09
C LEU A 12 1.27 -3.71 -4.11
N NH2 A 13 1.56 -3.49 -2.83
HN1 NH2 A 13 2.02 -2.67 -2.57
HN2 NH2 A 13 1.32 -4.16 -2.12
N ILE A 1 -5.83 -7.13 6.71
CA ILE A 1 -6.39 -6.15 5.78
C ILE A 1 -5.30 -5.21 5.25
N PHE A 2 -5.45 -4.81 4.00
CA PHE A 2 -4.48 -3.91 3.36
C PHE A 2 -5.07 -2.51 3.22
N GLY A 3 -4.19 -1.52 3.10
CA GLY A 3 -4.62 -0.15 2.96
C GLY A 3 -3.95 0.56 1.79
N THR A 4 -4.68 1.48 1.16
CA THR A 4 -4.15 2.22 0.03
C THR A 4 -2.86 2.95 0.40
N ILE A 5 -2.88 3.66 1.52
CA ILE A 5 -1.72 4.40 1.99
C ILE A 5 -0.51 3.48 2.13
N LEU A 6 -0.73 2.30 2.67
CA LEU A 6 0.34 1.33 2.87
C LEU A 6 0.83 0.78 1.53
N GLY A 7 -0.11 0.28 0.73
CA GLY A 7 0.24 -0.27 -0.57
C GLY A 7 1.03 0.72 -1.42
N PHE A 8 0.67 2.00 -1.33
CA PHE A 8 1.35 3.04 -2.09
C PHE A 8 2.86 2.99 -1.86
N LEU A 9 3.25 2.78 -0.60
CA LEU A 9 4.65 2.71 -0.24
C LEU A 9 5.36 1.59 -1.01
N LYS A 10 4.73 0.43 -1.07
CA LYS A 10 5.29 -0.71 -1.77
C LYS A 10 5.33 -0.47 -3.27
N GLY A 11 4.29 0.18 -3.78
CA GLY A 11 4.22 0.46 -5.21
C GLY A 11 3.85 -0.75 -6.03
N LEU A 12 4.38 -0.82 -7.25
CA LEU A 12 4.10 -1.95 -8.14
C LEU A 12 5.00 -3.14 -7.82
N NH2 A 13 4.75 -4.25 -8.49
HN1 NH2 A 13 4.02 -4.27 -9.14
HN2 NH2 A 13 5.29 -5.08 -8.34
N ILE A 1 -4.60 -6.59 3.17
CA ILE A 1 -3.77 -5.45 3.53
C ILE A 1 -4.56 -4.43 4.34
N PHE A 2 -5.78 -4.13 3.89
CA PHE A 2 -6.63 -3.18 4.59
C PHE A 2 -5.91 -1.84 4.78
N GLY A 3 -5.39 -1.29 3.69
CA GLY A 3 -4.68 -0.02 3.75
C GLY A 3 -4.20 0.44 2.40
N THR A 4 -4.95 1.36 1.79
CA THR A 4 -4.60 1.89 0.48
C THR A 4 -3.23 2.58 0.52
N ILE A 5 -3.05 3.47 1.49
CA ILE A 5 -1.80 4.20 1.63
C ILE A 5 -0.62 3.23 1.74
N LEU A 6 -0.73 2.27 2.65
CA LEU A 6 0.33 1.29 2.85
C LEU A 6 0.60 0.49 1.57
N GLY A 7 -0.48 0.11 0.89
CA GLY A 7 -0.34 -0.65 -0.35
C GLY A 7 0.32 0.16 -1.45
N PHE A 8 0.02 1.45 -1.50
CA PHE A 8 0.60 2.32 -2.52
C PHE A 8 2.11 2.44 -2.33
N LEU A 9 2.54 2.53 -1.08
CA LEU A 9 3.96 2.65 -0.77
C LEU A 9 4.73 1.44 -1.28
N LYS A 10 4.28 0.25 -0.90
CA LYS A 10 4.92 -0.99 -1.32
C LYS A 10 4.78 -1.20 -2.82
N GLY A 11 3.60 -0.83 -3.35
CA GLY A 11 3.36 -0.98 -4.77
C GLY A 11 4.38 -0.26 -5.62
N LEU A 12 5.19 -1.03 -6.35
CA LEU A 12 6.22 -0.47 -7.21
C LEU A 12 5.99 -0.86 -8.67
N NH2 A 13 6.82 -0.32 -9.56
HN1 NH2 A 13 7.51 0.31 -9.25
HN2 NH2 A 13 6.74 -0.52 -10.53
N ILE A 1 -2.62 -6.15 6.77
CA ILE A 1 -3.81 -6.89 6.37
C ILE A 1 -4.49 -6.24 5.17
N PHE A 2 -4.67 -4.92 5.25
CA PHE A 2 -5.31 -4.17 4.17
C PHE A 2 -4.99 -2.69 4.28
N GLY A 3 -4.78 -2.05 3.13
CA GLY A 3 -4.46 -0.63 3.12
C GLY A 3 -3.77 -0.20 1.84
N THR A 4 -4.53 0.37 0.91
CA THR A 4 -3.99 0.82 -0.36
C THR A 4 -2.90 1.87 -0.14
N ILE A 5 -3.14 2.78 0.80
CA ILE A 5 -2.18 3.83 1.10
C ILE A 5 -0.88 3.26 1.64
N LEU A 6 -0.99 2.29 2.54
CA LEU A 6 0.19 1.65 3.13
C LEU A 6 0.91 0.79 2.11
N GLY A 7 0.14 0.13 1.24
CA GLY A 7 0.72 -0.71 0.21
C GLY A 7 1.41 0.09 -0.87
N PHE A 8 0.85 1.25 -1.19
CA PHE A 8 1.43 2.11 -2.22
C PHE A 8 2.91 2.37 -1.97
N LEU A 9 3.27 2.48 -0.70
CA LEU A 9 4.66 2.72 -0.32
C LEU A 9 5.59 1.71 -0.97
N LYS A 10 5.30 0.43 -0.76
CA LYS A 10 6.10 -0.64 -1.33
C LYS A 10 5.81 -0.81 -2.81
N GLY A 11 4.55 -0.63 -3.19
CA GLY A 11 4.15 -0.77 -4.59
C GLY A 11 4.72 0.34 -5.45
N LEU A 12 4.23 0.43 -6.69
CA LEU A 12 4.70 1.45 -7.62
C LEU A 12 3.57 2.40 -8.00
N NH2 A 13 2.38 1.84 -8.20
HN1 NH2 A 13 2.27 0.87 -8.09
HN2 NH2 A 13 1.58 2.38 -8.45
N ILE A 1 -4.09 -6.70 6.12
CA ILE A 1 -4.78 -7.47 5.09
C ILE A 1 -5.00 -6.63 3.84
N PHE A 2 -5.27 -5.35 4.04
CA PHE A 2 -5.51 -4.42 2.93
C PHE A 2 -5.20 -2.99 3.33
N GLY A 3 -4.25 -2.38 2.63
CA GLY A 3 -3.87 -1.00 2.93
C GLY A 3 -3.39 -0.25 1.70
N THR A 4 -4.15 0.74 1.27
CA THR A 4 -3.79 1.54 0.11
C THR A 4 -2.51 2.32 0.35
N ILE A 5 -2.43 2.99 1.50
CA ILE A 5 -1.25 3.78 1.85
C ILE A 5 -0.01 2.90 1.94
N LEU A 6 -0.18 1.72 2.53
CA LEU A 6 0.93 0.78 2.69
C LEU A 6 1.42 0.29 1.33
N GLY A 7 0.52 -0.33 0.58
CA GLY A 7 0.86 -0.84 -0.73
C GLY A 7 1.40 0.24 -1.65
N PHE A 8 0.82 1.43 -1.56
CA PHE A 8 1.25 2.54 -2.39
C PHE A 8 2.65 3.03 -2.00
N LEU A 9 2.82 3.30 -0.72
CA LEU A 9 4.11 3.77 -0.21
C LEU A 9 5.23 2.80 -0.60
N LYS A 10 5.01 1.52 -0.36
CA LYS A 10 6.00 0.50 -0.69
C LYS A 10 6.16 0.37 -2.20
N GLY A 11 5.05 0.50 -2.93
CA GLY A 11 5.10 0.40 -4.37
C GLY A 11 4.40 -0.84 -4.89
N LEU A 12 4.39 -1.01 -6.21
CA LEU A 12 3.75 -2.17 -6.83
C LEU A 12 4.69 -2.84 -7.82
N NH2 A 13 4.28 -4.00 -8.32
HN1 NH2 A 13 3.42 -4.37 -8.02
HN2 NH2 A 13 4.83 -4.51 -8.98
N ILE A 1 -8.27 -5.91 1.26
CA ILE A 1 -7.00 -5.69 1.94
C ILE A 1 -7.01 -4.39 2.72
N PHE A 2 -6.50 -4.43 3.95
CA PHE A 2 -6.45 -3.24 4.80
C PHE A 2 -5.09 -2.56 4.71
N GLY A 3 -5.10 -1.25 4.49
CA GLY A 3 -3.86 -0.50 4.38
C GLY A 3 -3.52 -0.15 2.95
N THR A 4 -4.49 0.41 2.22
CA THR A 4 -4.28 0.78 0.83
C THR A 4 -3.08 1.70 0.69
N ILE A 5 -2.90 2.59 1.66
CA ILE A 5 -1.78 3.53 1.64
C ILE A 5 -0.45 2.80 1.76
N LEU A 6 -0.36 1.91 2.73
CA LEU A 6 0.87 1.13 2.95
C LEU A 6 1.20 0.28 1.73
N GLY A 7 0.18 -0.41 1.21
CA GLY A 7 0.38 -1.26 0.05
C GLY A 7 0.69 -0.46 -1.20
N PHE A 8 0.03 0.67 -1.36
CA PHE A 8 0.24 1.52 -2.53
C PHE A 8 1.70 1.99 -2.60
N LEU A 9 2.20 2.50 -1.49
CA LEU A 9 3.58 2.98 -1.42
C LEU A 9 4.57 1.83 -1.56
N LYS A 10 4.29 0.73 -0.86
CA LYS A 10 5.15 -0.44 -0.90
C LYS A 10 5.27 -0.97 -2.33
N GLY A 11 4.17 -0.92 -3.07
CA GLY A 11 4.18 -1.40 -4.44
C GLY A 11 4.67 -0.35 -5.42
N LEU A 12 5.24 -0.80 -6.54
CA LEU A 12 5.75 0.11 -7.56
C LEU A 12 5.03 -0.10 -8.88
N NH2 A 13 3.79 0.38 -8.95
HN1 NH2 A 13 3.39 0.82 -8.17
HN2 NH2 A 13 3.23 0.29 -9.78
N ILE A 1 -9.24 -1.71 3.12
CA ILE A 1 -8.85 -0.92 4.29
C ILE A 1 -7.34 -0.95 4.50
N PHE A 2 -6.79 -2.16 4.59
CA PHE A 2 -5.36 -2.32 4.79
C PHE A 2 -4.71 -2.96 3.56
N GLY A 3 -3.39 -2.82 3.46
CA GLY A 3 -2.66 -3.39 2.33
C GLY A 3 -2.41 -2.37 1.23
N THR A 4 -3.46 -1.64 0.87
CA THR A 4 -3.35 -0.62 -0.18
C THR A 4 -2.22 0.37 0.13
N ILE A 5 -2.27 0.96 1.31
CA ILE A 5 -1.26 1.93 1.72
C ILE A 5 0.13 1.32 1.64
N LEU A 6 0.35 0.21 2.34
CA LEU A 6 1.64 -0.46 2.34
C LEU A 6 2.11 -0.73 0.91
N GLY A 7 1.23 -1.32 0.10
CA GLY A 7 1.57 -1.62 -1.28
C GLY A 7 1.91 -0.38 -2.08
N PHE A 8 1.25 0.73 -1.75
CA PHE A 8 1.48 1.99 -2.45
C PHE A 8 2.86 2.56 -2.10
N LEU A 9 3.20 2.52 -0.82
CA LEU A 9 4.48 3.03 -0.35
C LEU A 9 5.63 2.17 -0.88
N LYS A 10 5.53 0.87 -0.68
CA LYS A 10 6.56 -0.06 -1.14
C LYS A 10 6.63 -0.08 -2.67
N GLY A 11 5.47 0.05 -3.31
CA GLY A 11 5.42 0.05 -4.77
C GLY A 11 5.89 1.35 -5.36
N LEU A 12 6.81 1.28 -6.31
CA LEU A 12 7.35 2.47 -6.96
C LEU A 12 7.89 3.45 -5.93
N NH2 A 13 8.69 2.95 -5.00
HN1 NH2 A 13 8.89 1.99 -5.01
HN2 NH2 A 13 9.10 3.52 -4.29
N ILE A 1 -2.72 -7.33 1.07
CA ILE A 1 -3.36 -6.21 0.39
C ILE A 1 -4.30 -5.46 1.33
N PHE A 2 -3.72 -4.76 2.30
CA PHE A 2 -4.51 -4.00 3.26
C PHE A 2 -4.00 -2.56 3.36
N GLY A 3 -4.90 -1.60 3.14
CA GLY A 3 -4.54 -0.20 3.21
C GLY A 3 -3.98 0.31 1.90
N THR A 4 -4.77 1.13 1.21
CA THR A 4 -4.36 1.69 -0.07
C THR A 4 -3.08 2.50 0.07
N ILE A 5 -3.06 3.41 1.04
CA ILE A 5 -1.90 4.25 1.29
C ILE A 5 -0.70 3.41 1.73
N LEU A 6 -0.98 2.38 2.52
CA LEU A 6 0.07 1.50 3.03
C LEU A 6 0.77 0.78 1.88
N GLY A 7 0.01 0.08 1.06
CA GLY A 7 0.57 -0.64 -0.06
C GLY A 7 1.23 0.29 -1.06
N PHE A 8 0.57 1.41 -1.35
CA PHE A 8 1.09 2.37 -2.31
C PHE A 8 2.53 2.78 -1.95
N LEU A 9 2.76 3.03 -0.67
CA LEU A 9 4.09 3.41 -0.19
C LEU A 9 5.10 2.30 -0.45
N LYS A 10 4.80 1.11 0.03
CA LYS A 10 5.67 -0.05 -0.15
C LYS A 10 6.01 -0.25 -1.62
N GLY A 11 5.03 0.00 -2.49
CA GLY A 11 5.24 -0.16 -3.91
C GLY A 11 4.11 -0.91 -4.59
N LEU A 12 4.03 -0.79 -5.91
CA LEU A 12 2.98 -1.46 -6.67
C LEU A 12 1.61 -1.13 -6.11
N NH2 A 13 1.36 0.15 -5.87
HN1 NH2 A 13 2.06 0.82 -6.05
HN2 NH2 A 13 0.48 0.46 -5.50
N ILE A 1 -6.34 -7.01 1.06
CA ILE A 1 -5.77 -5.67 1.16
C ILE A 1 -5.95 -5.09 2.56
N PHE A 2 -4.93 -4.40 3.05
CA PHE A 2 -4.99 -3.80 4.37
C PHE A 2 -5.15 -2.29 4.28
N GLY A 3 -4.48 -1.69 3.30
CA GLY A 3 -4.56 -0.24 3.11
C GLY A 3 -3.72 0.24 1.95
N THR A 4 -4.35 0.93 1.01
CA THR A 4 -3.66 1.46 -0.16
C THR A 4 -2.55 2.43 0.26
N ILE A 5 -2.84 3.26 1.25
CA ILE A 5 -1.87 4.23 1.73
C ILE A 5 -0.54 3.55 2.07
N LEU A 6 -0.62 2.35 2.62
CA LEU A 6 0.58 1.60 2.99
C LEU A 6 1.16 0.87 1.79
N GLY A 7 0.32 0.12 1.08
CA GLY A 7 0.78 -0.61 -0.09
C GLY A 7 1.49 0.29 -1.09
N PHE A 8 1.04 1.54 -1.19
CA PHE A 8 1.65 2.49 -2.11
C PHE A 8 3.14 2.62 -1.86
N LEU A 9 3.50 2.93 -0.61
CA LEU A 9 4.90 3.08 -0.24
C LEU A 9 5.66 1.76 -0.36
N LYS A 10 4.97 0.67 -0.02
CA LYS A 10 5.56 -0.66 -0.10
C LYS A 10 5.94 -1.01 -1.53
N GLY A 11 5.11 -0.57 -2.48
CA GLY A 11 5.38 -0.85 -3.88
C GLY A 11 4.38 -1.82 -4.47
N LEU A 12 3.66 -1.38 -5.49
CA LEU A 12 2.67 -2.23 -6.15
C LEU A 12 3.29 -3.54 -6.61
N NH2 A 13 2.44 -4.51 -6.91
HN1 NH2 A 13 1.48 -4.35 -6.82
HN2 NH2 A 13 2.76 -5.42 -7.22
N ILE A 1 -8.53 -6.60 4.59
CA ILE A 1 -8.01 -5.41 3.92
C ILE A 1 -6.48 -5.40 3.93
N PHE A 2 -5.89 -4.45 3.23
CA PHE A 2 -4.44 -4.32 3.17
C PHE A 2 -3.98 -2.94 3.63
N GLY A 3 -4.61 -1.91 3.10
CA GLY A 3 -4.26 -0.55 3.48
C GLY A 3 -3.60 0.22 2.35
N THR A 4 -4.39 1.03 1.65
CA THR A 4 -3.88 1.81 0.54
C THR A 4 -2.71 2.69 0.98
N ILE A 5 -2.84 3.28 2.16
CA ILE A 5 -1.79 4.14 2.70
C ILE A 5 -0.46 3.42 2.76
N LEU A 6 -0.50 2.13 3.08
CA LEU A 6 0.71 1.33 3.18
C LEU A 6 1.17 0.88 1.79
N GLY A 7 0.27 0.23 1.06
CA GLY A 7 0.60 -0.23 -0.28
C GLY A 7 1.18 0.86 -1.15
N PHE A 8 0.72 2.09 -0.94
CA PHE A 8 1.18 3.23 -1.72
C PHE A 8 2.71 3.31 -1.69
N LEU A 9 3.30 2.96 -0.55
CA LEU A 9 4.75 3.00 -0.40
C LEU A 9 5.40 1.83 -1.13
N LYS A 10 4.89 0.63 -0.90
CA LYS A 10 5.43 -0.56 -1.55
C LYS A 10 5.38 -0.42 -3.06
N GLY A 11 4.31 0.19 -3.57
CA GLY A 11 4.17 0.38 -5.00
C GLY A 11 3.79 -0.91 -5.72
N LEU A 12 4.70 -1.42 -6.54
CA LEU A 12 4.44 -2.65 -7.29
C LEU A 12 5.47 -3.72 -6.95
N NH2 A 13 6.71 -3.50 -7.37
HN1 NH2 A 13 6.92 -2.68 -7.87
HN2 NH2 A 13 7.45 -4.14 -7.18
N ILE A 1 -5.07 -7.64 2.29
CA ILE A 1 -5.94 -6.76 1.55
C ILE A 1 -5.69 -5.30 1.90
N PHE A 2 -6.01 -4.93 3.14
CA PHE A 2 -5.82 -3.57 3.61
C PHE A 2 -4.35 -3.18 3.53
N GLY A 3 -4.09 -1.87 3.54
CA GLY A 3 -2.73 -1.38 3.47
C GLY A 3 -2.43 -0.66 2.17
N THR A 4 -3.40 0.11 1.69
CA THR A 4 -3.24 0.84 0.44
C THR A 4 -2.25 2.00 0.61
N ILE A 5 -2.46 2.80 1.64
CA ILE A 5 -1.59 3.94 1.91
C ILE A 5 -0.13 3.50 2.05
N LEU A 6 0.07 2.33 2.65
CA LEU A 6 1.41 1.79 2.84
C LEU A 6 1.98 1.26 1.53
N GLY A 7 1.26 0.32 0.92
CA GLY A 7 1.72 -0.25 -0.34
C GLY A 7 2.01 0.81 -1.39
N PHE A 8 1.24 1.89 -1.36
CA PHE A 8 1.42 2.98 -2.32
C PHE A 8 2.88 3.47 -2.31
N LEU A 9 3.48 3.50 -1.13
CA LEU A 9 4.86 3.96 -0.99
C LEU A 9 5.78 3.19 -1.93
N LYS A 10 5.63 1.87 -1.96
CA LYS A 10 6.45 1.02 -2.82
C LYS A 10 5.94 1.06 -4.26
N GLY A 11 4.62 1.15 -4.42
CA GLY A 11 4.04 1.19 -5.74
C GLY A 11 4.34 -0.06 -6.56
N LEU A 12 3.78 -1.18 -6.13
CA LEU A 12 3.99 -2.45 -6.82
C LEU A 12 2.67 -3.20 -7.00
N NH2 A 13 2.60 -4.00 -8.06
HN1 NH2 A 13 3.37 -4.07 -8.66
HN2 NH2 A 13 1.77 -4.53 -8.25
N ILE A 1 -4.34 -7.23 2.49
CA ILE A 1 -3.77 -5.88 2.61
C ILE A 1 -4.83 -4.82 2.35
N PHE A 2 -5.32 -4.20 3.42
CA PHE A 2 -6.33 -3.16 3.30
C PHE A 2 -5.75 -1.79 3.64
N GLY A 3 -5.44 -1.01 2.62
CA GLY A 3 -4.89 0.31 2.83
C GLY A 3 -4.12 0.82 1.63
N THR A 4 -4.76 1.68 0.84
CA THR A 4 -4.13 2.25 -0.35
C THR A 4 -2.84 2.97 0.00
N ILE A 5 -2.92 3.83 1.01
CA ILE A 5 -1.75 4.60 1.44
C ILE A 5 -0.62 3.67 1.87
N LEU A 6 -0.90 2.80 2.84
CA LEU A 6 0.09 1.86 3.34
C LEU A 6 0.72 1.07 2.19
N GLY A 7 -0.13 0.47 1.36
CA GLY A 7 0.36 -0.30 0.24
C GLY A 7 1.22 0.52 -0.71
N PHE A 8 0.84 1.77 -0.90
CA PHE A 8 1.58 2.67 -1.78
C PHE A 8 3.06 2.72 -1.38
N LEU A 9 3.32 2.67 -0.09
CA LEU A 9 4.69 2.72 0.42
C LEU A 9 5.41 1.40 0.17
N LYS A 10 4.71 0.30 0.41
CA LYS A 10 5.28 -1.04 0.20
C LYS A 10 5.58 -1.28 -1.27
N GLY A 11 4.68 -0.77 -2.13
CA GLY A 11 4.87 -0.95 -3.57
C GLY A 11 3.73 -0.36 -4.38
N LEU A 12 3.29 -1.09 -5.39
CA LEU A 12 2.20 -0.62 -6.25
C LEU A 12 0.96 -1.50 -6.07
N NH2 A 13 1.19 -2.81 -5.92
HN1 NH2 A 13 2.11 -3.13 -5.93
HN2 NH2 A 13 0.44 -3.45 -5.80
N ILE A 1 -9.25 -5.01 6.79
CA ILE A 1 -8.54 -4.08 5.90
C ILE A 1 -7.11 -4.55 5.65
N PHE A 2 -6.68 -4.45 4.40
CA PHE A 2 -5.33 -4.86 4.03
C PHE A 2 -4.34 -3.73 4.27
N GLY A 3 -4.67 -2.54 3.77
CA GLY A 3 -3.79 -1.40 3.93
C GLY A 3 -3.62 -0.60 2.66
N THR A 4 -4.46 0.42 2.48
CA THR A 4 -4.40 1.26 1.30
C THR A 4 -3.10 2.04 1.24
N ILE A 5 -2.76 2.69 2.35
CA ILE A 5 -1.53 3.48 2.42
C ILE A 5 -0.30 2.59 2.23
N LEU A 6 -0.31 1.43 2.86
CA LEU A 6 0.81 0.49 2.76
C LEU A 6 0.96 -0.01 1.34
N GLY A 7 -0.09 -0.61 0.79
CA GLY A 7 -0.04 -1.12 -0.56
C GLY A 7 0.37 -0.07 -1.57
N PHE A 8 -0.21 1.12 -1.46
CA PHE A 8 0.10 2.22 -2.36
C PHE A 8 1.58 2.58 -2.29
N LEU A 9 2.13 2.52 -1.09
CA LEU A 9 3.54 2.84 -0.88
C LEU A 9 4.44 1.74 -1.45
N LYS A 10 4.06 0.49 -1.22
CA LYS A 10 4.82 -0.65 -1.71
C LYS A 10 4.78 -0.72 -3.23
N GLY A 11 3.62 -0.38 -3.81
CA GLY A 11 3.48 -0.42 -5.25
C GLY A 11 3.98 0.85 -5.90
N LEU A 12 4.62 0.70 -7.06
CA LEU A 12 5.15 1.83 -7.80
C LEU A 12 4.39 2.06 -9.10
N NH2 A 13 3.06 1.91 -9.03
HN1 NH2 A 13 2.65 1.68 -8.18
HN2 NH2 A 13 2.49 2.04 -9.84
N ILE A 1 -6.65 -3.13 0.65
CA ILE A 1 -6.47 -4.34 1.46
C ILE A 1 -5.93 -4.00 2.84
N PHE A 2 -6.76 -3.37 3.66
CA PHE A 2 -6.36 -2.99 5.01
C PHE A 2 -5.14 -2.09 4.99
N GLY A 3 -5.20 -1.05 4.16
CA GLY A 3 -4.08 -0.13 4.06
C GLY A 3 -3.82 0.31 2.62
N THR A 4 -4.75 1.07 2.06
CA THR A 4 -4.61 1.55 0.69
C THR A 4 -3.30 2.32 0.50
N ILE A 5 -2.90 3.04 1.53
CA ILE A 5 -1.66 3.81 1.47
C ILE A 5 -0.43 2.91 1.64
N LEU A 6 -0.52 1.98 2.58
CA LEU A 6 0.57 1.05 2.83
C LEU A 6 0.84 0.17 1.61
N GLY A 7 -0.23 -0.19 0.91
CA GLY A 7 -0.10 -1.03 -0.27
C GLY A 7 0.29 -0.24 -1.50
N PHE A 8 -0.39 0.89 -1.71
CA PHE A 8 -0.11 1.74 -2.86
C PHE A 8 1.37 2.11 -2.94
N LEU A 9 1.92 2.48 -1.78
CA LEU A 9 3.33 2.86 -1.71
C LEU A 9 4.23 1.64 -1.88
N LYS A 10 3.94 0.58 -1.12
CA LYS A 10 4.72 -0.64 -1.18
C LYS A 10 4.83 -1.15 -2.62
N GLY A 11 3.77 -0.96 -3.39
CA GLY A 11 3.76 -1.39 -4.77
C GLY A 11 4.53 -0.44 -5.68
N LEU A 12 5.84 -0.64 -5.76
CA LEU A 12 6.70 0.20 -6.59
C LEU A 12 7.33 -0.61 -7.71
N NH2 A 13 6.56 -1.52 -8.29
HN1 NH2 A 13 5.63 -1.63 -7.99
HN2 NH2 A 13 6.89 -2.10 -9.04
N ILE A 1 -6.59 -8.03 2.26
CA ILE A 1 -5.47 -7.11 2.41
C ILE A 1 -5.94 -5.68 2.62
N PHE A 2 -5.66 -5.12 3.79
CA PHE A 2 -6.07 -3.76 4.11
C PHE A 2 -4.88 -2.81 4.04
N GLY A 3 -5.15 -1.54 3.75
CA GLY A 3 -4.09 -0.55 3.66
C GLY A 3 -3.67 -0.29 2.23
N THR A 4 -4.56 0.33 1.45
CA THR A 4 -4.27 0.63 0.06
C THR A 4 -2.96 1.41 -0.08
N ILE A 5 -2.84 2.50 0.65
CA ILE A 5 -1.64 3.33 0.61
C ILE A 5 -0.43 2.55 1.12
N LEU A 6 -0.63 1.80 2.20
CA LEU A 6 0.45 1.01 2.79
C LEU A 6 1.05 0.06 1.76
N GLY A 7 0.19 -0.59 0.98
CA GLY A 7 0.66 -1.51 -0.04
C GLY A 7 1.30 -0.81 -1.21
N PHE A 8 0.64 0.22 -1.72
CA PHE A 8 1.14 0.99 -2.86
C PHE A 8 2.55 1.51 -2.56
N LEU A 9 2.70 2.21 -1.44
CA LEU A 9 3.99 2.77 -1.06
C LEU A 9 5.05 1.67 -0.98
N LYS A 10 4.73 0.60 -0.28
CA LYS A 10 5.64 -0.53 -0.13
C LYS A 10 6.03 -1.11 -1.49
N GLY A 11 5.06 -1.16 -2.39
CA GLY A 11 5.31 -1.69 -3.72
C GLY A 11 6.20 -0.79 -4.55
N LEU A 12 5.81 0.47 -4.68
CA LEU A 12 6.57 1.44 -5.46
C LEU A 12 7.47 2.26 -4.55
N NH2 A 13 8.15 1.61 -3.62
HN1 NH2 A 13 8.04 0.63 -3.56
HN2 NH2 A 13 8.76 2.06 -2.99
N ILE A 1 -4.39 -7.28 2.89
CA ILE A 1 -3.62 -6.37 2.04
C ILE A 1 -4.51 -5.26 1.50
N PHE A 2 -4.96 -4.38 2.38
CA PHE A 2 -5.81 -3.26 1.99
C PHE A 2 -5.13 -1.93 2.27
N GLY A 3 -5.82 -0.84 1.94
CA GLY A 3 -5.28 0.48 2.16
C GLY A 3 -4.34 0.92 1.06
N THR A 4 -4.83 1.76 0.16
CA THR A 4 -4.04 2.25 -0.96
C THR A 4 -2.79 2.98 -0.47
N ILE A 5 -2.99 3.86 0.51
CA ILE A 5 -1.88 4.62 1.08
C ILE A 5 -0.76 3.69 1.57
N LEU A 6 -1.15 2.64 2.27
CA LEU A 6 -0.20 1.68 2.80
C LEU A 6 0.50 0.91 1.68
N GLY A 7 -0.30 0.35 0.78
CA GLY A 7 0.25 -0.39 -0.35
C GLY A 7 1.19 0.44 -1.19
N PHE A 8 0.88 1.73 -1.32
CA PHE A 8 1.71 2.64 -2.11
C PHE A 8 3.11 2.73 -1.54
N LEU A 9 3.21 2.89 -0.23
CA LEU A 9 4.51 2.98 0.44
C LEU A 9 5.37 1.77 0.12
N LYS A 10 4.80 0.59 0.26
CA LYS A 10 5.52 -0.65 -0.02
C LYS A 10 5.81 -0.80 -1.50
N GLY A 11 4.87 -0.36 -2.33
CA GLY A 11 5.04 -0.44 -3.78
C GLY A 11 4.45 -1.71 -4.36
N LEU A 12 3.77 -1.56 -5.49
CA LEU A 12 3.15 -2.71 -6.16
C LEU A 12 4.20 -3.69 -6.65
N NH2 A 13 4.98 -3.25 -7.64
HN1 NH2 A 13 4.84 -2.35 -8.00
HN2 NH2 A 13 5.69 -3.83 -8.03
N ILE A 1 -6.18 -3.99 8.05
CA ILE A 1 -5.55 -5.07 7.32
C ILE A 1 -5.34 -4.70 5.85
N PHE A 2 -6.27 -3.92 5.30
CA PHE A 2 -6.18 -3.49 3.91
C PHE A 2 -5.69 -2.05 3.82
N GLY A 3 -4.42 -1.84 4.18
CA GLY A 3 -3.86 -0.51 4.13
C GLY A 3 -3.35 -0.13 2.75
N THR A 4 -4.24 0.42 1.93
CA THR A 4 -3.88 0.82 0.57
C THR A 4 -2.72 1.80 0.58
N ILE A 5 -2.77 2.77 1.49
CA ILE A 5 -1.72 3.77 1.59
C ILE A 5 -0.36 3.12 1.84
N LEU A 6 -0.35 2.07 2.66
CA LEU A 6 0.88 1.36 2.98
C LEU A 6 1.35 0.53 1.79
N GLY A 7 0.45 -0.32 1.28
CA GLY A 7 0.78 -1.15 0.15
C GLY A 7 1.28 -0.35 -1.04
N PHE A 8 0.67 0.80 -1.27
CA PHE A 8 1.05 1.66 -2.39
C PHE A 8 2.53 2.01 -2.32
N LEU A 9 3.03 2.23 -1.11
CA LEU A 9 4.43 2.58 -0.91
C LEU A 9 5.33 1.37 -1.16
N LYS A 10 4.99 0.25 -0.54
CA LYS A 10 5.76 -0.98 -0.69
C LYS A 10 5.81 -1.41 -2.16
N GLY A 11 4.70 -1.23 -2.86
CA GLY A 11 4.64 -1.60 -4.26
C GLY A 11 3.77 -0.65 -5.07
N LEU A 12 4.36 -0.08 -6.13
CA LEU A 12 3.63 0.85 -6.99
C LEU A 12 2.87 0.10 -8.07
N NH2 A 13 3.47 -0.98 -8.58
HN1 NH2 A 13 4.34 -1.24 -8.24
HN2 NH2 A 13 3.03 -1.53 -9.30
N ILE A 1 -7.78 -6.24 4.37
CA ILE A 1 -7.55 -5.69 5.70
C ILE A 1 -6.48 -4.61 5.68
N PHE A 2 -5.47 -4.82 4.83
CA PHE A 2 -4.37 -3.87 4.71
C PHE A 2 -4.87 -2.50 4.25
N GLY A 3 -4.04 -1.48 4.42
CA GLY A 3 -4.41 -0.15 4.00
C GLY A 3 -3.75 0.29 2.72
N THR A 4 -4.54 0.77 1.77
CA THR A 4 -4.02 1.21 0.48
C THR A 4 -2.90 2.24 0.67
N ILE A 5 -3.05 3.09 1.67
CA ILE A 5 -2.06 4.12 1.97
C ILE A 5 -0.69 3.50 2.19
N LEU A 6 -0.66 2.37 2.89
CA LEU A 6 0.59 1.69 3.19
C LEU A 6 1.05 0.85 1.99
N GLY A 7 0.16 0.00 1.49
CA GLY A 7 0.48 -0.84 0.35
C GLY A 7 1.02 -0.04 -0.82
N PHE A 8 0.46 1.15 -1.03
CA PHE A 8 0.88 2.00 -2.13
C PHE A 8 2.40 2.23 -2.09
N LEU A 9 2.90 2.56 -0.92
CA LEU A 9 4.33 2.81 -0.74
C LEU A 9 5.14 1.54 -1.02
N LYS A 10 4.73 0.43 -0.41
CA LYS A 10 5.40 -0.85 -0.59
C LYS A 10 5.43 -1.24 -2.06
N GLY A 11 4.36 -0.92 -2.78
CA GLY A 11 4.27 -1.24 -4.19
C GLY A 11 4.71 -0.09 -5.08
N LEU A 12 4.04 0.05 -6.21
CA LEU A 12 4.36 1.12 -7.16
C LEU A 12 3.12 1.57 -7.92
N NH2 A 13 3.25 2.66 -8.67
HN1 NH2 A 13 4.11 3.11 -8.70
HN2 NH2 A 13 2.49 3.02 -9.21
N ILE A 1 -6.57 -8.09 5.62
CA ILE A 1 -6.98 -6.91 4.85
C ILE A 1 -5.78 -6.29 4.12
N PHE A 2 -6.05 -5.28 3.31
CA PHE A 2 -5.01 -4.60 2.55
C PHE A 2 -4.96 -3.12 2.91
N GLY A 3 -3.75 -2.58 2.98
CA GLY A 3 -3.58 -1.17 3.32
C GLY A 3 -3.06 -0.36 2.15
N THR A 4 -3.94 0.45 1.56
CA THR A 4 -3.56 1.29 0.42
C THR A 4 -2.53 2.33 0.82
N ILE A 5 -2.70 2.89 2.01
CA ILE A 5 -1.78 3.90 2.52
C ILE A 5 -0.34 3.39 2.51
N LEU A 6 -0.18 2.09 2.77
CA LEU A 6 1.14 1.48 2.80
C LEU A 6 1.58 1.07 1.39
N GLY A 7 0.65 0.49 0.64
CA GLY A 7 0.96 0.05 -0.72
C GLY A 7 1.35 1.21 -1.61
N PHE A 8 0.69 2.34 -1.45
CA PHE A 8 0.98 3.52 -2.25
C PHE A 8 2.45 3.89 -2.17
N LEU A 9 3.04 3.71 -0.99
CA LEU A 9 4.45 4.01 -0.78
C LEU A 9 5.34 3.09 -1.60
N LYS A 10 5.05 1.79 -1.54
CA LYS A 10 5.81 0.80 -2.27
C LYS A 10 5.72 1.04 -3.78
N GLY A 11 4.54 1.43 -4.24
CA GLY A 11 4.34 1.69 -5.65
C GLY A 11 3.56 0.58 -6.34
N LEU A 12 3.97 -0.66 -6.10
CA LEU A 12 3.30 -1.81 -6.70
C LEU A 12 2.11 -2.26 -5.86
N NH2 A 13 2.40 -2.87 -4.71
HN1 NH2 A 13 3.34 -3.00 -4.46
HN2 NH2 A 13 1.68 -3.18 -4.09
N ILE A 1 -4.55 -7.75 1.71
CA ILE A 1 -3.82 -6.59 2.19
C ILE A 1 -4.67 -5.32 2.08
N PHE A 2 -5.15 -4.84 3.23
CA PHE A 2 -5.96 -3.63 3.26
C PHE A 2 -5.13 -2.42 3.65
N GLY A 3 -5.23 -1.36 2.84
CA GLY A 3 -4.46 -0.15 3.11
C GLY A 3 -3.88 0.46 1.85
N THR A 4 -4.62 1.37 1.23
CA THR A 4 -4.17 2.02 0.01
C THR A 4 -2.86 2.76 0.24
N ILE A 5 -2.85 3.64 1.24
CA ILE A 5 -1.65 4.42 1.55
C ILE A 5 -0.46 3.49 1.82
N LEU A 6 -0.74 2.34 2.40
CA LEU A 6 0.32 1.37 2.71
C LEU A 6 0.91 0.79 1.44
N GLY A 7 0.05 0.29 0.56
CA GLY A 7 0.51 -0.28 -0.69
C GLY A 7 1.13 0.76 -1.61
N PHE A 8 0.55 1.95 -1.63
CA PHE A 8 1.06 3.03 -2.47
C PHE A 8 2.45 3.47 -2.02
N LEU A 9 2.64 3.57 -0.72
CA LEU A 9 3.93 3.97 -0.17
C LEU A 9 5.06 3.12 -0.73
N LYS A 10 4.92 1.80 -0.60
CA LYS A 10 5.93 0.88 -1.12
C LYS A 10 5.95 0.87 -2.64
N GLY A 11 4.77 0.97 -3.24
CA GLY A 11 4.67 0.97 -4.69
C GLY A 11 5.21 -0.30 -5.31
N LEU A 12 4.47 -1.40 -5.14
CA LEU A 12 4.89 -2.68 -5.69
C LEU A 12 3.69 -3.43 -6.26
N NH2 A 13 3.95 -4.31 -7.24
HN1 NH2 A 13 4.88 -4.41 -7.54
HN2 NH2 A 13 3.23 -4.84 -7.67
#